data_3EEI
#
_entry.id   3EEI
#
_cell.length_a   128.359
_cell.length_b   40.897
_cell.length_c   83.612
_cell.angle_alpha   90.000
_cell.angle_beta   109.220
_cell.angle_gamma   90.000
#
_symmetry.space_group_name_H-M   'C 1 2 1'
#
loop_
_entity.id
_entity.type
_entity.pdbx_description
1 polymer '5-methylthioadenosine nucleosidase/S-adenosylhomocysteine nucleosidase'
2 non-polymer (3S,4R)-2-(4-AMINO-5H-PYRROLO[3,2-D]PYRIMIDIN-7-YL)-5-[(METHYLSULFANYL)METHYL]PYRROLIDINE-3,4-DIOL
3 water water
#
_entity_poly.entity_id   1
_entity_poly.type   'polypeptide(L)'
_entity_poly.pdbx_seq_one_letter_code
;MSLKTVAVIGAMEQEIELLREMMENVKAVSFGRFSAYEGELAGKRMVLALSGIGKVNAAVATAWIIREFAADCVINTGSA
GGLGKGLKVGDVVIGTETAHHDVDVTAFGYAWGQVPQLPARFASDGILIEAAKRAARTFEGAAVEQGLIVSGDRFVHSSE
GVAEIRKHFPEVKAVEMEAAAIAQTCHQLETPFVIIRAVSDSADEKADISFDEFLKTAAANSAKMVAEIVKSL
;
_entity_poly.pdbx_strand_id   A,B
#
loop_
_chem_comp.id
_chem_comp.type
_chem_comp.name
_chem_comp.formula
MTM non-polymer (3S,4R)-2-(4-AMINO-5H-PYRROLO[3,2-D]PYRIMIDIN-7-YL)-5-[(METHYLSULFANYL)METHYL]PYRROLIDINE-3,4-DIOL 'C12 H19 N5 O2 S'
#
# COMPACT_ATOMS: atom_id res chain seq x y z
N LEU A 3 -7.05 19.75 -15.91
CA LEU A 3 -7.71 19.56 -14.59
C LEU A 3 -9.21 19.73 -14.76
N LYS A 4 -9.84 18.70 -15.31
CA LYS A 4 -11.27 18.68 -15.63
C LYS A 4 -11.97 17.93 -14.53
N THR A 5 -11.48 16.72 -14.27
CA THR A 5 -11.94 15.90 -13.16
C THR A 5 -10.87 15.86 -12.09
N VAL A 6 -11.23 16.30 -10.89
CA VAL A 6 -10.34 16.34 -9.74
C VAL A 6 -10.73 15.21 -8.81
N ALA A 7 -9.77 14.42 -8.35
CA ALA A 7 -10.07 13.43 -7.34
C ALA A 7 -9.58 13.93 -5.99
N VAL A 8 -10.40 13.77 -4.98
CA VAL A 8 -10.01 14.12 -3.62
C VAL A 8 -10.12 12.87 -2.77
N ILE A 9 -9.05 12.53 -2.07
CA ILE A 9 -9.02 11.28 -1.29
C ILE A 9 -8.83 11.61 0.18
N GLY A 10 -9.73 11.17 1.06
CA GLY A 10 -9.53 11.29 2.49
C GLY A 10 -9.72 9.94 3.16
N ALA A 11 -9.07 9.72 4.28
CA ALA A 11 -9.00 8.36 4.88
C ALA A 11 -10.28 8.03 5.68
N MET A 12 -10.78 9.04 6.37
CA MET A 12 -11.85 8.85 7.35
C MET A 12 -13.09 9.69 6.99
N GLU A 13 -14.29 9.22 7.39
CA GLU A 13 -15.52 9.94 7.04
C GLU A 13 -15.42 11.40 7.48
N GLN A 14 -14.90 11.61 8.70
CA GLN A 14 -14.82 12.96 9.25
C GLN A 14 -14.03 13.88 8.33
N GLU A 15 -13.13 13.30 7.55
CA GLU A 15 -12.25 14.06 6.66
C GLU A 15 -12.87 14.39 5.31
N ILE A 16 -13.97 13.70 4.95
CA ILE A 16 -14.61 14.04 3.68
C ILE A 16 -15.98 14.67 3.86
N GLU A 17 -16.51 14.70 5.07
CA GLU A 17 -17.93 15.09 5.17
C GLU A 17 -18.20 16.52 4.72
N LEU A 18 -17.29 17.44 5.05
CA LEU A 18 -17.49 18.86 4.70
C LEU A 18 -17.48 19.03 3.19
N LEU A 19 -16.50 18.39 2.53
CA LEU A 19 -16.40 18.43 1.09
C LEU A 19 -17.61 17.83 0.40
N ARG A 20 -18.14 16.77 0.97
CA ARG A 20 -19.33 16.12 0.42
C ARG A 20 -20.54 17.05 0.51
N GLU A 21 -20.64 17.77 1.62
CA GLU A 21 -21.73 18.72 1.78
C GLU A 21 -21.58 19.87 0.82
N MET A 22 -20.37 20.14 0.38
CA MET A 22 -20.15 21.26 -0.53
C MET A 22 -20.45 20.89 -1.97
N MET A 23 -20.54 19.60 -2.29
CA MET A 23 -20.72 19.18 -3.67
C MET A 23 -22.16 19.28 -4.19
N GLU A 24 -22.30 19.44 -5.50
CA GLU A 24 -23.61 19.43 -6.19
C GLU A 24 -23.77 18.12 -6.93
N ASN A 25 -25.04 17.72 -7.11
CA ASN A 25 -25.39 16.58 -7.94
C ASN A 25 -24.62 15.33 -7.57
N VAL A 26 -24.57 15.04 -6.28
CA VAL A 26 -23.74 13.96 -5.78
C VAL A 26 -24.35 12.61 -6.08
N LYS A 27 -23.50 11.69 -6.52
CA LYS A 27 -23.90 10.34 -6.86
C LYS A 27 -22.96 9.37 -6.14
N ALA A 28 -23.47 8.48 -5.30
CA ALA A 28 -22.59 7.51 -4.64
C ALA A 28 -22.10 6.47 -5.64
N VAL A 29 -20.81 6.11 -5.55
CA VAL A 29 -20.26 5.04 -6.40
C VAL A 29 -19.37 4.15 -5.54
N SER A 30 -19.11 2.93 -5.96
CA SER A 30 -18.33 2.06 -5.08
C SER A 30 -17.54 1.01 -5.86
N PHE A 31 -16.55 0.40 -5.22
CA PHE A 31 -15.72 -0.60 -5.88
C PHE A 31 -15.41 -1.55 -4.76
N GLY A 32 -16.02 -2.74 -4.76
CA GLY A 32 -15.84 -3.67 -3.64
C GLY A 32 -16.28 -2.93 -2.40
N ARG A 33 -15.48 -2.97 -1.33
CA ARG A 33 -15.77 -2.21 -0.11
C ARG A 33 -15.44 -0.70 -0.09
N PHE A 34 -14.80 -0.19 -1.14
CA PHE A 34 -14.52 1.27 -1.21
C PHE A 34 -15.70 2.08 -1.73
N SER A 35 -15.85 3.31 -1.22
CA SER A 35 -16.96 4.15 -1.63
C SER A 35 -16.45 5.51 -1.99
N ALA A 36 -17.19 6.19 -2.86
CA ALA A 36 -16.83 7.51 -3.28
C ALA A 36 -18.08 8.22 -3.71
N TYR A 37 -17.91 9.51 -4.03
CA TYR A 37 -19.03 10.38 -4.39
C TYR A 37 -18.61 11.24 -5.54
N GLU A 38 -19.37 11.16 -6.63
CA GLU A 38 -19.11 11.85 -7.87
C GLU A 38 -20.10 13.04 -7.97
N GLY A 39 -19.62 14.24 -8.32
CA GLY A 39 -20.50 15.42 -8.37
C GLY A 39 -19.69 16.59 -8.87
N GLU A 40 -20.05 17.79 -8.42
CA GLU A 40 -19.34 19.01 -8.83
C GLU A 40 -19.11 19.91 -7.65
N LEU A 41 -18.04 20.70 -7.74
CA LEU A 41 -17.73 21.70 -6.74
C LEU A 41 -17.15 22.84 -7.52
N ALA A 42 -17.62 24.03 -7.23
CA ALA A 42 -17.43 25.12 -8.18
C ALA A 42 -18.01 24.60 -9.48
N GLY A 43 -17.26 24.74 -10.56
CA GLY A 43 -17.79 24.24 -11.81
C GLY A 43 -16.96 23.06 -12.21
N LYS A 44 -16.46 22.33 -11.21
CA LYS A 44 -15.53 21.23 -11.48
C LYS A 44 -16.14 19.89 -11.18
N ARG A 45 -15.94 18.94 -12.08
CA ARG A 45 -16.27 17.57 -11.80
C ARG A 45 -15.32 17.12 -10.70
N MET A 46 -15.85 16.48 -9.67
CA MET A 46 -15.04 16.05 -8.56
C MET A 46 -15.50 14.70 -8.11
N VAL A 47 -14.56 13.81 -7.82
CA VAL A 47 -14.92 12.54 -7.20
C VAL A 47 -14.16 12.50 -5.88
N LEU A 48 -14.92 12.38 -4.82
CA LEU A 48 -14.43 12.43 -3.47
C LEU A 48 -14.42 11.01 -2.92
N ALA A 49 -13.25 10.42 -2.66
CA ALA A 49 -13.24 9.03 -2.16
C ALA A 49 -12.88 8.89 -0.68
N LEU A 50 -13.50 7.92 -0.04
CA LEU A 50 -13.19 7.57 1.34
C LEU A 50 -12.27 6.35 1.29
N SER A 51 -10.98 6.52 1.57
CA SER A 51 -10.06 5.39 1.32
C SER A 51 -10.04 4.36 2.42
N GLY A 52 -10.30 4.80 3.64
CA GLY A 52 -9.91 4.00 4.79
C GLY A 52 -8.46 4.33 5.16
N ILE A 53 -8.02 3.82 6.30
CA ILE A 53 -6.74 4.19 6.90
C ILE A 53 -5.57 3.36 6.39
N GLY A 54 -4.42 4.02 6.13
CA GLY A 54 -3.16 3.32 5.89
C GLY A 54 -2.84 3.15 4.43
N LYS A 55 -1.66 2.60 4.16
CA LYS A 55 -1.11 2.73 2.84
C LYS A 55 -1.84 1.90 1.78
N VAL A 56 -2.20 0.66 2.13
CA VAL A 56 -2.85 -0.21 1.13
C VAL A 56 -4.23 0.38 0.75
N ASN A 57 -5.03 0.73 1.77
CA ASN A 57 -6.32 1.33 1.52
C ASN A 57 -6.19 2.59 0.65
N ALA A 58 -5.25 3.47 0.97
CA ALA A 58 -5.16 4.71 0.20
C ALA A 58 -4.72 4.41 -1.23
N ALA A 59 -3.82 3.44 -1.38
CA ALA A 59 -3.28 3.13 -2.71
C ALA A 59 -4.40 2.59 -3.62
N VAL A 60 -5.17 1.66 -3.09
CA VAL A 60 -6.21 1.02 -3.89
C VAL A 60 -7.29 2.05 -4.24
N ALA A 61 -7.68 2.85 -3.26
CA ALA A 61 -8.71 3.86 -3.52
C ALA A 61 -8.27 4.83 -4.58
N THR A 62 -7.03 5.29 -4.49
CA THR A 62 -6.46 6.21 -5.46
C THR A 62 -6.38 5.59 -6.84
N ALA A 63 -5.98 4.32 -6.91
CA ALA A 63 -5.82 3.67 -8.22
C ALA A 63 -7.21 3.53 -8.86
N TRP A 64 -8.18 3.16 -8.02
CA TRP A 64 -9.55 3.06 -8.48
C TRP A 64 -10.08 4.37 -9.07
N ILE A 65 -9.96 5.48 -8.34
CA ILE A 65 -10.52 6.71 -8.87
C ILE A 65 -9.81 7.14 -10.14
N ILE A 66 -8.50 6.93 -10.20
CA ILE A 66 -7.78 7.31 -11.39
C ILE A 66 -8.31 6.50 -12.57
N ARG A 67 -8.40 5.19 -12.40
CA ARG A 67 -8.83 4.28 -13.46
C ARG A 67 -10.25 4.61 -13.89
N GLU A 68 -11.12 4.50 -12.90
CA GLU A 68 -12.56 4.56 -13.09
C GLU A 68 -13.05 5.92 -13.63
N PHE A 69 -12.41 7.00 -13.21
CA PHE A 69 -12.90 8.33 -13.56
C PHE A 69 -11.93 9.16 -14.36
N ALA A 70 -10.79 8.59 -14.72
CA ALA A 70 -9.84 9.35 -15.54
C ALA A 70 -9.51 10.65 -14.83
N ALA A 71 -9.33 10.60 -13.51
CA ALA A 71 -9.01 11.81 -12.78
C ALA A 71 -7.80 12.52 -13.36
N ASP A 72 -7.89 13.84 -13.53
CA ASP A 72 -6.80 14.62 -14.09
C ASP A 72 -5.72 14.97 -13.05
N CYS A 73 -6.12 14.99 -11.80
CA CYS A 73 -5.16 15.17 -10.71
C CYS A 73 -5.79 14.63 -9.44
N VAL A 74 -4.99 14.50 -8.37
CA VAL A 74 -5.51 13.94 -7.11
C VAL A 74 -5.05 14.83 -5.98
N ILE A 75 -5.95 15.11 -5.04
CA ILE A 75 -5.62 15.94 -3.90
C ILE A 75 -5.98 15.12 -2.67
N ASN A 76 -5.04 14.96 -1.75
CA ASN A 76 -5.28 14.25 -0.52
C ASN A 76 -5.69 15.32 0.50
N THR A 77 -6.56 14.97 1.43
CA THR A 77 -7.00 15.91 2.48
C THR A 77 -7.08 15.12 3.78
N GLY A 78 -6.90 15.81 4.91
CA GLY A 78 -7.06 15.15 6.18
C GLY A 78 -6.15 15.67 7.27
N SER A 79 -6.02 14.86 8.33
CA SER A 79 -5.34 15.21 9.57
C SER A 79 -3.95 14.60 9.58
N ALA A 80 -3.09 15.09 10.46
CA ALA A 80 -1.71 14.58 10.53
C ALA A 80 -1.07 15.02 11.83
N GLY A 81 0.03 14.34 12.18
CA GLY A 81 0.80 14.71 13.37
C GLY A 81 1.68 15.87 12.96
N GLY A 82 1.63 16.97 13.70
CA GLY A 82 2.48 18.12 13.39
C GLY A 82 3.88 17.99 13.98
N LEU A 83 4.92 18.04 13.13
CA LEU A 83 6.32 17.99 13.59
C LEU A 83 7.13 19.26 13.27
N GLY A 84 6.60 20.10 12.39
CA GLY A 84 7.29 21.33 12.04
C GLY A 84 7.40 22.33 13.18
N LYS A 85 8.49 23.09 13.16
CA LYS A 85 8.68 24.21 14.07
C LYS A 85 7.44 25.08 14.10
N GLY A 86 6.89 25.27 15.29
CA GLY A 86 5.92 26.34 15.47
C GLY A 86 4.50 25.98 15.09
N LEU A 87 4.30 24.80 14.52
CA LEU A 87 2.94 24.38 14.14
C LEU A 87 2.02 24.21 15.35
N LYS A 88 0.74 24.57 15.20
CA LYS A 88 -0.25 24.28 16.24
C LYS A 88 -1.41 23.51 15.67
N VAL A 89 -2.26 23.01 16.55
CA VAL A 89 -3.42 22.30 16.11
C VAL A 89 -4.26 23.14 15.17
N GLY A 90 -4.67 22.52 14.07
CA GLY A 90 -5.47 23.19 13.07
C GLY A 90 -4.66 23.78 11.91
N ASP A 91 -3.35 23.95 12.09
CA ASP A 91 -2.52 24.55 11.03
C ASP A 91 -2.48 23.58 9.86
N VAL A 92 -2.37 24.15 8.66
CA VAL A 92 -2.41 23.35 7.45
C VAL A 92 -1.02 23.26 6.88
N VAL A 93 -0.63 22.06 6.43
CA VAL A 93 0.65 21.92 5.72
C VAL A 93 0.38 21.53 4.28
N ILE A 94 0.95 22.27 3.35
CA ILE A 94 0.89 21.93 1.93
C ILE A 94 2.12 21.02 1.75
N GLY A 95 1.88 19.74 1.48
CA GLY A 95 2.99 18.77 1.28
C GLY A 95 3.52 18.94 -0.12
N THR A 96 4.69 19.54 -0.22
CA THR A 96 5.36 19.75 -1.53
C THR A 96 6.18 18.55 -1.91
N GLU A 97 6.55 17.74 -0.92
CA GLU A 97 7.27 16.48 -1.18
C GLU A 97 6.72 15.53 -0.15
N THR A 98 6.65 14.25 -0.50
CA THR A 98 6.19 13.21 0.39
C THR A 98 7.11 12.00 0.32
N ALA A 99 7.24 11.28 1.43
CA ALA A 99 8.08 10.09 1.46
C ALA A 99 7.51 9.10 2.46
N HIS A 100 7.77 7.80 2.23
CA HIS A 100 7.52 6.75 3.26
C HIS A 100 8.57 6.79 4.36
N HIS A 101 8.17 7.04 5.62
CA HIS A 101 9.18 7.04 6.66
C HIS A 101 9.51 5.61 7.16
N ASP A 102 8.69 4.65 6.77
CA ASP A 102 8.87 3.27 7.23
C ASP A 102 9.29 2.28 6.16
N VAL A 103 9.64 2.78 4.99
CA VAL A 103 10.25 1.89 3.97
C VAL A 103 11.78 1.75 4.20
N ASP A 104 12.29 0.52 4.20
CA ASP A 104 13.70 0.31 4.43
C ASP A 104 14.14 -0.86 3.59
N VAL A 105 14.67 -0.56 2.41
CA VAL A 105 15.32 -1.59 1.59
C VAL A 105 16.79 -1.14 1.45
N THR A 106 17.29 -0.56 2.53
CA THR A 106 18.67 -0.06 2.48
C THR A 106 19.66 -1.18 2.26
N ALA A 107 19.25 -2.42 2.55
CA ALA A 107 20.18 -3.54 2.43
C ALA A 107 20.65 -3.66 0.98
N PHE A 108 19.88 -3.13 0.04
CA PHE A 108 20.27 -3.24 -1.37
C PHE A 108 20.69 -1.89 -1.94
N GLY A 109 21.07 -0.94 -1.08
CA GLY A 109 21.62 0.34 -1.56
C GLY A 109 20.69 1.55 -1.62
N TYR A 110 19.41 1.33 -1.36
CA TYR A 110 18.42 2.38 -1.51
C TYR A 110 18.51 3.30 -0.28
N ALA A 111 18.07 4.55 -0.40
CA ALA A 111 18.08 5.49 0.67
C ALA A 111 16.96 5.10 1.61
N TRP A 112 17.04 5.55 2.85
CA TRP A 112 15.99 5.24 3.76
C TRP A 112 14.70 5.79 3.14
N GLY A 113 13.61 5.05 3.23
CA GLY A 113 12.32 5.50 2.66
C GLY A 113 12.10 5.22 1.18
N GLN A 114 13.16 4.85 0.48
CA GLN A 114 13.03 4.69 -0.94
C GLN A 114 12.54 3.31 -1.33
N VAL A 115 11.43 3.26 -2.09
CA VAL A 115 10.91 2.01 -2.59
C VAL A 115 11.75 1.67 -3.82
N PRO A 116 12.19 0.42 -3.95
CA PRO A 116 13.04 0.09 -5.12
C PRO A 116 12.46 0.51 -6.46
N GLN A 117 13.31 1.03 -7.34
CA GLN A 117 12.86 1.48 -8.64
C GLN A 117 12.17 2.83 -8.69
N LEU A 118 11.99 3.47 -7.54
CA LEU A 118 11.33 4.78 -7.45
C LEU A 118 12.26 5.83 -6.84
N PRO A 119 11.93 7.14 -6.97
CA PRO A 119 12.70 8.20 -6.33
C PRO A 119 12.54 8.05 -4.83
N ALA A 120 13.43 8.63 -4.03
CA ALA A 120 13.33 8.52 -2.56
C ALA A 120 12.16 9.34 -2.06
N ARG A 121 11.85 10.44 -2.77
CA ARG A 121 10.71 11.30 -2.39
C ARG A 121 9.84 11.55 -3.62
N PHE A 122 8.58 11.85 -3.39
CA PHE A 122 7.67 12.19 -4.47
C PHE A 122 7.29 13.65 -4.44
N ALA A 123 7.52 14.37 -5.56
CA ALA A 123 7.20 15.79 -5.63
C ALA A 123 5.76 16.04 -6.00
N SER A 124 5.07 16.90 -5.25
CA SER A 124 3.75 17.29 -5.63
C SER A 124 3.85 18.11 -6.93
N ASP A 125 2.75 18.22 -7.66
CA ASP A 125 2.75 18.90 -8.96
C ASP A 125 2.99 20.39 -8.76
N GLY A 126 3.86 20.99 -9.57
CA GLY A 126 4.14 22.44 -9.47
C GLY A 126 2.91 23.33 -9.56
N ILE A 127 2.07 23.11 -10.56
CA ILE A 127 0.80 23.88 -10.70
C ILE A 127 -0.05 23.79 -9.45
N LEU A 128 -0.19 22.58 -8.91
CA LEU A 128 -1.05 22.38 -7.72
C LEU A 128 -0.47 23.02 -6.48
N ILE A 129 0.85 22.91 -6.31
CA ILE A 129 1.53 23.63 -5.25
C ILE A 129 1.26 25.12 -5.37
N GLU A 130 1.42 25.62 -6.58
CA GLU A 130 1.14 27.03 -6.83
C GLU A 130 -0.30 27.40 -6.47
N ALA A 131 -1.28 26.62 -6.91
CA ALA A 131 -2.66 26.85 -6.50
C ALA A 131 -2.86 26.85 -4.99
N ALA A 132 -2.19 25.93 -4.28
CA ALA A 132 -2.29 25.88 -2.83
C ALA A 132 -1.65 27.11 -2.19
N LYS A 133 -0.49 27.54 -2.69
CA LYS A 133 0.13 28.76 -2.17
C LYS A 133 -0.76 29.96 -2.36
N ARG A 134 -1.34 30.07 -3.56
CA ARG A 134 -2.29 31.16 -3.80
C ARG A 134 -3.48 31.09 -2.85
N ALA A 135 -4.05 29.91 -2.64
CA ALA A 135 -5.13 29.80 -1.68
C ALA A 135 -4.69 30.24 -0.29
N ALA A 136 -3.44 29.97 0.07
CA ALA A 136 -2.99 30.28 1.43
C ALA A 136 -3.00 31.77 1.69
N ARG A 137 -2.78 32.54 0.63
CA ARG A 137 -2.66 33.99 0.73
C ARG A 137 -3.90 34.64 1.29
N THR A 138 -5.07 34.02 1.10
CA THR A 138 -6.30 34.62 1.63
C THR A 138 -7.02 33.70 2.59
N PHE A 139 -6.31 32.65 3.03
CA PHE A 139 -6.87 31.66 3.94
C PHE A 139 -6.87 32.08 5.44
N GLU A 140 -8.02 32.37 6.02
CA GLU A 140 -8.08 32.95 7.35
C GLU A 140 -8.20 32.01 8.55
N GLY A 141 -8.60 30.80 8.35
CA GLY A 141 -8.91 29.96 9.50
C GLY A 141 -7.74 29.47 10.32
N ALA A 142 -6.55 29.57 9.77
CA ALA A 142 -5.41 28.93 10.36
C ALA A 142 -4.17 29.31 9.60
N ALA A 143 -3.04 29.13 10.23
CA ALA A 143 -1.72 29.28 9.59
C ALA A 143 -1.47 28.15 8.58
N VAL A 144 -0.72 28.45 7.52
CA VAL A 144 -0.42 27.47 6.48
C VAL A 144 1.09 27.47 6.28
N GLU A 145 1.67 26.28 6.13
CA GLU A 145 3.08 26.17 5.78
C GLU A 145 3.24 25.20 4.63
N GLN A 146 4.44 25.10 4.06
CA GLN A 146 4.71 24.14 3.01
C GLN A 146 5.87 23.29 3.46
N GLY A 147 5.95 22.07 2.96
CA GLY A 147 7.14 21.29 3.25
C GLY A 147 6.88 19.83 3.16
N LEU A 148 7.74 19.04 3.80
CA LEU A 148 7.78 17.61 3.60
C LEU A 148 6.75 16.94 4.55
N ILE A 149 5.94 16.02 4.03
CA ILE A 149 5.07 15.16 4.84
C ILE A 149 5.54 13.72 4.65
N VAL A 150 5.69 12.98 5.74
CA VAL A 150 6.11 11.57 5.57
C VAL A 150 4.98 10.65 6.07
N SER A 151 4.92 9.44 5.53
CA SER A 151 3.85 8.51 5.84
C SER A 151 4.40 7.17 6.21
N GLY A 152 3.65 6.47 7.06
CA GLY A 152 3.89 5.08 7.25
C GLY A 152 2.69 4.40 7.89
N ASP A 153 2.80 3.09 8.07
CA ASP A 153 1.60 2.30 8.43
C ASP A 153 1.47 2.22 9.95
N ARG A 154 1.77 3.34 10.59
CA ARG A 154 1.64 3.38 12.04
C ARG A 154 1.16 4.73 12.52
N PHE A 155 0.41 4.71 13.63
CA PHE A 155 0.03 5.96 14.25
C PHE A 155 1.13 6.28 15.23
N VAL A 156 1.81 7.39 15.02
CA VAL A 156 2.97 7.72 15.84
C VAL A 156 2.54 8.48 17.09
N HIS A 157 2.95 7.97 18.26
CA HIS A 157 2.52 8.59 19.52
C HIS A 157 3.59 8.41 20.59
N SER A 158 4.82 8.78 20.25
CA SER A 158 5.90 8.70 21.25
C SER A 158 7.01 9.64 20.85
N SER A 159 7.77 10.14 21.85
CA SER A 159 8.89 10.99 21.51
C SER A 159 9.95 10.15 20.79
N GLU A 160 10.10 8.91 21.16
CA GLU A 160 11.12 8.08 20.48
C GLU A 160 10.75 7.87 19.03
N GLY A 161 9.46 7.69 18.75
CA GLY A 161 8.96 7.44 17.39
C GLY A 161 9.21 8.67 16.54
N VAL A 162 8.98 9.86 17.09
CA VAL A 162 9.19 11.07 16.32
C VAL A 162 10.70 11.26 16.06
N ALA A 163 11.53 10.92 17.05
CA ALA A 163 12.96 11.10 16.85
C ALA A 163 13.45 10.21 15.73
N GLU A 164 12.95 8.99 15.66
CA GLU A 164 13.36 8.11 14.55
C GLU A 164 13.09 8.74 13.21
N ILE A 165 11.92 9.33 13.09
CA ILE A 165 11.53 9.89 11.81
C ILE A 165 12.39 11.13 11.52
N ARG A 166 12.57 12.00 12.50
CA ARG A 166 13.40 13.19 12.25
CA ARG A 166 13.42 13.19 12.27
C ARG A 166 14.85 12.85 11.89
N LYS A 167 15.34 11.73 12.39
CA LYS A 167 16.71 11.30 12.04
C LYS A 167 16.81 11.08 10.55
N HIS A 168 15.78 10.47 9.97
CA HIS A 168 15.81 10.20 8.51
C HIS A 168 15.34 11.38 7.67
N PHE A 169 14.50 12.22 8.26
CA PHE A 169 13.84 13.33 7.54
C PHE A 169 13.92 14.60 8.37
N PRO A 170 15.11 15.19 8.47
CA PRO A 170 15.32 16.33 9.36
C PRO A 170 14.35 17.51 9.17
N GLU A 171 13.91 17.75 7.95
CA GLU A 171 13.09 18.94 7.70
C GLU A 171 11.57 18.63 7.71
N VAL A 172 11.22 17.43 8.19
CA VAL A 172 9.83 16.96 8.13
C VAL A 172 8.90 17.95 8.84
N LYS A 173 7.74 18.17 8.24
CA LYS A 173 6.73 19.03 8.85
C LYS A 173 5.53 18.29 9.42
N ALA A 174 5.18 17.11 8.86
CA ALA A 174 4.00 16.38 9.36
C ALA A 174 4.12 14.90 9.07
N VAL A 175 3.42 14.10 9.86
CA VAL A 175 3.43 12.65 9.68
C VAL A 175 2.01 12.13 9.70
N GLU A 176 1.74 11.20 8.80
CA GLU A 176 0.43 10.54 8.77
C GLU A 176 0.57 9.19 8.08
N MET A 177 -0.50 8.63 7.52
CA MET A 177 -0.46 7.20 7.15
C MET A 177 -0.91 6.93 5.72
N GLU A 178 -1.25 7.98 4.96
CA GLU A 178 -1.68 7.76 3.55
C GLU A 178 -0.95 8.52 2.46
N ALA A 179 -0.41 9.68 2.80
CA ALA A 179 0.06 10.60 1.78
C ALA A 179 1.06 9.96 0.85
N ALA A 180 2.05 9.28 1.44
CA ALA A 180 3.12 8.70 0.55
C ALA A 180 2.56 7.59 -0.33
N ALA A 181 1.52 6.89 0.14
CA ALA A 181 0.89 5.84 -0.71
C ALA A 181 0.13 6.46 -1.88
N ILE A 182 -0.58 7.54 -1.61
CA ILE A 182 -1.27 8.24 -2.67
C ILE A 182 -0.27 8.82 -3.65
N ALA A 183 0.78 9.41 -3.13
CA ALA A 183 1.85 10.02 -3.97
C ALA A 183 2.51 8.97 -4.85
N GLN A 184 2.87 7.85 -4.24
CA GLN A 184 3.53 6.79 -5.01
C GLN A 184 2.56 6.23 -6.06
N THR A 185 1.30 6.09 -5.71
CA THR A 185 0.31 5.63 -6.69
C THR A 185 0.20 6.63 -7.85
N CYS A 186 0.05 7.91 -7.55
CA CYS A 186 -0.04 8.87 -8.65
C CYS A 186 1.23 8.84 -9.48
N HIS A 187 2.40 8.70 -8.83
CA HIS A 187 3.65 8.68 -9.61
C HIS A 187 3.58 7.53 -10.60
N GLN A 188 3.22 6.35 -10.11
CA GLN A 188 3.21 5.15 -10.95
C GLN A 188 2.15 5.22 -12.06
N LEU A 189 1.11 6.02 -11.81
CA LEU A 189 0.01 6.17 -12.77
C LEU A 189 0.09 7.53 -13.46
N GLU A 190 1.26 8.17 -13.36
CA GLU A 190 1.53 9.40 -14.09
C GLU A 190 0.44 10.47 -13.97
N THR A 191 0.04 10.73 -12.73
CA THR A 191 -1.09 11.63 -12.44
C THR A 191 -0.59 12.67 -11.44
N PRO A 192 -0.81 13.99 -11.71
CA PRO A 192 -0.31 15.05 -10.82
C PRO A 192 -1.09 15.00 -9.51
N PHE A 193 -0.45 15.37 -8.40
CA PHE A 193 -1.15 15.36 -7.12
C PHE A 193 -0.57 16.42 -6.21
N VAL A 194 -1.28 16.71 -5.11
CA VAL A 194 -0.70 17.50 -4.04
C VAL A 194 -1.33 16.97 -2.77
N ILE A 195 -0.63 17.13 -1.65
CA ILE A 195 -1.09 16.63 -0.38
C ILE A 195 -1.41 17.83 0.50
N ILE A 196 -2.59 17.87 1.09
CA ILE A 196 -2.92 18.93 2.04
C ILE A 196 -3.32 18.24 3.34
N ARG A 197 -2.73 18.62 4.47
CA ARG A 197 -3.10 18.00 5.75
C ARG A 197 -3.13 19.11 6.78
N ALA A 198 -3.89 18.91 7.86
CA ALA A 198 -3.89 19.86 8.97
C ALA A 198 -3.56 19.12 10.26
N VAL A 199 -3.00 19.85 11.23
CA VAL A 199 -2.48 19.22 12.44
C VAL A 199 -3.58 18.88 13.44
N SER A 200 -3.64 17.62 13.86
CA SER A 200 -4.61 17.16 14.87
C SER A 200 -3.92 16.79 16.21
N ASP A 201 -2.59 16.75 16.19
CA ASP A 201 -1.78 16.29 17.29
C ASP A 201 -0.31 16.48 16.96
N SER A 202 0.54 16.18 17.93
CA SER A 202 2.02 16.31 17.75
C SER A 202 2.76 14.99 17.64
N ALA A 203 2.06 13.90 17.45
CA ALA A 203 2.63 12.57 17.27
C ALA A 203 3.45 12.13 18.48
N ASP A 204 3.19 12.78 19.61
CA ASP A 204 3.93 12.49 20.82
C ASP A 204 3.11 11.63 21.77
N GLU A 205 3.53 11.58 23.03
CA GLU A 205 2.90 10.66 23.98
C GLU A 205 1.40 10.96 24.11
N LYS A 206 0.96 12.17 23.79
CA LYS A 206 -0.48 12.49 23.96
C LYS A 206 -1.24 12.45 22.64
N ALA A 207 -0.61 11.93 21.59
CA ALA A 207 -1.16 12.14 20.27
C ALA A 207 -2.55 11.51 20.11
N ASP A 208 -2.76 10.34 20.71
CA ASP A 208 -4.02 9.66 20.56
C ASP A 208 -5.14 10.45 21.21
N ILE A 209 -4.81 11.11 22.31
CA ILE A 209 -5.83 11.87 23.06
C ILE A 209 -6.17 13.15 22.34
N SER A 210 -5.14 13.77 21.76
CA SER A 210 -5.33 15.00 21.05
C SER A 210 -6.04 14.74 19.75
N PHE A 211 -5.65 13.67 19.07
CA PHE A 211 -6.25 13.36 17.78
C PHE A 211 -7.78 13.37 17.75
N ASP A 212 -8.39 12.68 18.68
CA ASP A 212 -9.85 12.52 18.60
C ASP A 212 -10.51 13.86 18.86
N GLU A 213 -9.92 14.66 19.75
CA GLU A 213 -10.50 15.96 20.02
C GLU A 213 -10.41 16.89 18.79
N PHE A 214 -9.27 16.83 18.07
CA PHE A 214 -8.96 17.86 17.07
C PHE A 214 -9.14 17.40 15.64
N LEU A 215 -9.57 16.16 15.47
CA LEU A 215 -9.82 15.65 14.11
C LEU A 215 -10.78 16.52 13.34
N LYS A 216 -11.89 16.91 13.96
CA LYS A 216 -12.86 17.68 13.18
C LYS A 216 -12.28 19.02 12.75
N THR A 217 -11.54 19.67 13.63
CA THR A 217 -10.96 20.96 13.28
C THR A 217 -9.89 20.78 12.21
N ALA A 218 -9.04 19.78 12.37
CA ALA A 218 -8.03 19.52 11.35
C ALA A 218 -8.71 19.16 10.04
N ALA A 219 -9.67 18.25 10.08
CA ALA A 219 -10.40 17.87 8.85
C ALA A 219 -10.98 19.07 8.14
N ALA A 220 -11.64 19.95 8.90
CA ALA A 220 -12.27 21.15 8.31
C ALA A 220 -11.28 22.13 7.66
N ASN A 221 -10.15 22.36 8.33
CA ASN A 221 -9.22 23.34 7.83
C ASN A 221 -8.60 22.78 6.56
N SER A 222 -8.24 21.50 6.62
CA SER A 222 -7.68 20.86 5.42
C SER A 222 -8.67 20.96 4.26
N ALA A 223 -9.91 20.56 4.52
CA ALA A 223 -10.95 20.57 3.49
C ALA A 223 -11.21 21.96 2.89
N LYS A 224 -11.25 22.98 3.73
CA LYS A 224 -11.48 24.34 3.25
C LYS A 224 -10.35 24.76 2.32
N MET A 225 -9.12 24.33 2.61
CA MET A 225 -8.01 24.64 1.71
C MET A 225 -8.20 23.90 0.40
N VAL A 226 -8.48 22.61 0.51
CA VAL A 226 -8.75 21.80 -0.68
C VAL A 226 -9.83 22.43 -1.55
N ALA A 227 -10.93 22.87 -0.95
CA ALA A 227 -12.03 23.47 -1.74
C ALA A 227 -11.60 24.75 -2.44
N GLU A 228 -10.75 25.54 -1.78
CA GLU A 228 -10.22 26.73 -2.45
C GLU A 228 -9.37 26.35 -3.66
N ILE A 229 -8.56 25.32 -3.51
CA ILE A 229 -7.74 24.86 -4.60
C ILE A 229 -8.61 24.41 -5.76
N VAL A 230 -9.64 23.63 -5.48
CA VAL A 230 -10.48 23.13 -6.58
C VAL A 230 -11.11 24.28 -7.38
N LYS A 231 -11.68 25.24 -6.66
CA LYS A 231 -12.28 26.41 -7.31
C LYS A 231 -11.30 27.09 -8.27
N SER A 232 -10.03 27.14 -7.87
CA SER A 232 -9.00 27.83 -8.64
C SER A 232 -8.55 27.08 -9.88
N LEU A 233 -8.79 25.78 -9.94
CA LEU A 233 -8.17 25.02 -11.00
C LEU A 233 -8.68 25.46 -12.38
N LEU B 3 -13.26 -20.97 -10.84
CA LEU B 3 -12.18 -19.96 -11.10
C LEU B 3 -11.64 -20.08 -12.53
N LYS B 4 -12.09 -19.19 -13.41
CA LYS B 4 -11.75 -19.24 -14.82
C LYS B 4 -10.74 -18.17 -15.25
N THR B 5 -10.71 -17.04 -14.53
CA THR B 5 -9.65 -16.07 -14.76
C THR B 5 -8.77 -15.97 -13.54
N VAL B 6 -7.52 -16.40 -13.65
CA VAL B 6 -6.65 -16.31 -12.49
C VAL B 6 -5.61 -15.23 -12.63
N ALA B 7 -5.55 -14.35 -11.63
CA ALA B 7 -4.50 -13.33 -11.58
C ALA B 7 -3.30 -13.93 -10.81
N VAL B 8 -2.10 -13.78 -11.36
CA VAL B 8 -0.89 -14.14 -10.64
C VAL B 8 -0.06 -12.88 -10.50
N ILE B 9 0.32 -12.54 -9.27
CA ILE B 9 1.06 -11.31 -8.96
C ILE B 9 2.48 -11.66 -8.47
N GLY B 10 3.53 -11.18 -9.16
CA GLY B 10 4.90 -11.32 -8.65
C GLY B 10 5.59 -9.96 -8.62
N ALA B 11 6.43 -9.72 -7.59
CA ALA B 11 7.07 -8.39 -7.40
C ALA B 11 8.13 -8.05 -8.46
N MET B 12 8.88 -9.07 -8.85
CA MET B 12 10.08 -8.88 -9.64
C MET B 12 10.10 -9.74 -10.90
N GLU B 13 10.79 -9.25 -11.94
CA GLU B 13 10.78 -9.91 -13.23
C GLU B 13 11.20 -11.35 -13.04
N GLN B 14 12.10 -11.58 -12.10
CA GLN B 14 12.67 -12.91 -12.00
C GLN B 14 11.64 -13.88 -11.43
N GLU B 15 10.61 -13.34 -10.77
CA GLU B 15 9.57 -14.16 -10.14
C GLU B 15 8.39 -14.52 -11.07
N ILE B 16 8.32 -13.87 -12.22
CA ILE B 16 7.24 -14.11 -13.20
C ILE B 16 7.76 -14.68 -14.53
N GLU B 17 9.08 -14.71 -14.69
CA GLU B 17 9.61 -15.02 -16.01
C GLU B 17 9.28 -16.44 -16.49
N LEU B 18 9.36 -17.40 -15.59
CA LEU B 18 9.08 -18.78 -15.95
C LEU B 18 7.58 -18.89 -16.31
N LEU B 19 6.73 -18.36 -15.44
CA LEU B 19 5.30 -18.38 -15.71
C LEU B 19 4.97 -17.74 -17.05
N ARG B 20 5.65 -16.63 -17.37
CA ARG B 20 5.39 -15.95 -18.61
C ARG B 20 5.75 -16.86 -19.78
N GLU B 21 6.82 -17.62 -19.62
CA GLU B 21 7.22 -18.50 -20.71
C GLU B 21 6.28 -19.71 -20.86
N MET B 22 5.64 -20.10 -19.78
CA MET B 22 4.69 -21.20 -19.80
C MET B 22 3.35 -20.80 -20.43
N MET B 23 3.04 -19.51 -20.40
CA MET B 23 1.75 -19.06 -20.91
C MET B 23 1.69 -19.10 -22.43
N GLU B 24 0.47 -19.24 -22.96
CA GLU B 24 0.26 -19.15 -24.39
C GLU B 24 -0.63 -18.00 -24.76
N ASN B 25 -0.54 -17.61 -26.02
CA ASN B 25 -1.33 -16.53 -26.60
C ASN B 25 -1.24 -15.26 -25.76
N VAL B 26 -0.01 -14.84 -25.48
CA VAL B 26 0.25 -13.80 -24.51
C VAL B 26 0.16 -12.41 -25.15
N LYS B 27 -0.66 -11.55 -24.54
CA LYS B 27 -0.75 -10.15 -24.89
C LYS B 27 -0.15 -9.28 -23.74
N ALA B 28 0.74 -8.33 -24.04
CA ALA B 28 1.25 -7.42 -22.97
C ALA B 28 0.20 -6.34 -22.67
N VAL B 29 -0.02 -6.04 -21.40
CA VAL B 29 -0.99 -5.00 -21.07
C VAL B 29 -0.36 -4.12 -20.02
N SER B 30 -0.85 -2.89 -19.92
CA SER B 30 -0.22 -1.97 -18.96
C SER B 30 -1.23 -1.04 -18.32
N PHE B 31 -0.80 -0.36 -17.27
CA PHE B 31 -1.65 0.59 -16.57
C PHE B 31 -0.59 1.48 -15.98
N GLY B 32 -0.34 2.64 -16.60
CA GLY B 32 0.71 3.51 -16.07
C GLY B 32 2.00 2.73 -16.16
N ARG B 33 2.82 2.77 -15.13
CA ARG B 33 4.10 2.07 -15.17
C ARG B 33 4.02 0.60 -14.83
N PHE B 34 2.78 0.12 -14.60
CA PHE B 34 2.61 -1.31 -14.26
C PHE B 34 2.39 -2.14 -15.53
N SER B 35 3.00 -3.29 -15.63
CA SER B 35 2.81 -4.13 -16.80
C SER B 35 2.34 -5.50 -16.38
N ALA B 36 1.55 -6.14 -17.24
CA ALA B 36 1.11 -7.50 -17.01
C ALA B 36 1.03 -8.21 -18.34
N TYR B 37 0.73 -9.50 -18.27
CA TYR B 37 0.61 -10.36 -19.45
C TYR B 37 -0.68 -11.18 -19.36
N GLU B 38 -1.52 -11.01 -20.35
CA GLU B 38 -2.78 -11.72 -20.45
C GLU B 38 -2.60 -12.87 -21.43
N GLY B 39 -2.75 -14.11 -20.98
CA GLY B 39 -2.69 -15.23 -21.94
C GLY B 39 -3.44 -16.40 -21.39
N GLU B 40 -3.02 -17.60 -21.79
CA GLU B 40 -3.67 -18.80 -21.29
C GLU B 40 -2.62 -19.74 -20.74
N LEU B 41 -3.00 -20.44 -19.69
CA LEU B 41 -2.19 -21.53 -19.16
C LEU B 41 -3.15 -22.63 -18.79
N ALA B 42 -3.01 -23.79 -19.38
CA ALA B 42 -3.89 -24.89 -19.07
C ALA B 42 -5.37 -24.63 -19.29
N GLY B 43 -5.74 -23.95 -20.34
CA GLY B 43 -7.16 -23.65 -20.48
C GLY B 43 -7.75 -22.75 -19.43
N LYS B 44 -6.92 -22.01 -18.72
CA LYS B 44 -7.47 -20.96 -17.92
C LYS B 44 -6.97 -19.67 -18.49
N ARG B 45 -7.78 -18.64 -18.37
CA ARG B 45 -7.35 -17.30 -18.68
C ARG B 45 -6.43 -16.89 -17.53
N MET B 46 -5.21 -16.48 -17.82
CA MET B 46 -4.27 -16.07 -16.77
C MET B 46 -3.80 -14.65 -17.02
N VAL B 47 -3.79 -13.81 -16.00
CA VAL B 47 -3.19 -12.52 -16.17
C VAL B 47 -2.08 -12.43 -15.16
N LEU B 48 -0.88 -12.30 -15.69
CA LEU B 48 0.31 -12.34 -14.88
C LEU B 48 0.88 -10.93 -14.75
N ALA B 49 0.84 -10.38 -13.53
CA ALA B 49 1.22 -8.98 -13.31
C ALA B 49 2.59 -8.86 -12.64
N LEU B 50 3.37 -7.87 -13.07
CA LEU B 50 4.63 -7.53 -12.40
C LEU B 50 4.31 -6.33 -11.52
N SER B 51 4.18 -6.56 -10.22
CA SER B 51 3.75 -5.48 -9.31
C SER B 51 4.79 -4.44 -8.96
N GLY B 52 6.05 -4.83 -8.87
CA GLY B 52 7.07 -3.99 -8.26
C GLY B 52 7.08 -4.34 -6.79
N ILE B 53 8.06 -3.81 -6.06
CA ILE B 53 8.32 -4.25 -4.70
C ILE B 53 7.50 -3.41 -3.74
N GLY B 54 6.97 -4.05 -2.70
CA GLY B 54 6.40 -3.31 -1.56
C GLY B 54 4.89 -3.23 -1.56
N LYS B 55 4.30 -2.64 -0.52
CA LYS B 55 2.86 -2.77 -0.30
C LYS B 55 2.04 -1.97 -1.28
N VAL B 56 2.42 -0.71 -1.50
CA VAL B 56 1.72 0.14 -2.44
C VAL B 56 1.75 -0.45 -3.83
N ASN B 57 2.92 -0.86 -4.27
CA ASN B 57 2.97 -1.40 -5.62
C ASN B 57 2.10 -2.65 -5.72
N ALA B 58 2.26 -3.58 -4.79
CA ALA B 58 1.46 -4.79 -4.84
C ALA B 58 -0.05 -4.47 -4.79
N ALA B 59 -0.45 -3.56 -3.92
CA ALA B 59 -1.86 -3.29 -3.78
C ALA B 59 -2.44 -2.70 -5.07
N VAL B 60 -1.73 -1.75 -5.70
CA VAL B 60 -2.24 -1.18 -6.92
C VAL B 60 -2.33 -2.21 -8.06
N ALA B 61 -1.26 -2.98 -8.22
CA ALA B 61 -1.25 -3.93 -9.34
C ALA B 61 -2.40 -4.93 -9.15
N THR B 62 -2.63 -5.34 -7.90
CA THR B 62 -3.65 -6.34 -7.60
C THR B 62 -5.05 -5.77 -7.85
N ALA B 63 -5.28 -4.55 -7.35
CA ALA B 63 -6.58 -3.92 -7.59
C ALA B 63 -6.84 -3.70 -9.09
N TRP B 64 -5.81 -3.31 -9.82
CA TRP B 64 -5.90 -3.09 -11.29
C TRP B 64 -6.31 -4.35 -11.99
N ILE B 65 -5.65 -5.47 -11.68
CA ILE B 65 -5.97 -6.71 -12.37
C ILE B 65 -7.36 -7.20 -12.00
N ILE B 66 -7.72 -7.11 -10.74
CA ILE B 66 -9.09 -7.46 -10.36
C ILE B 66 -10.11 -6.63 -11.15
N ARG B 67 -9.94 -5.32 -11.19
CA ARG B 67 -10.90 -4.41 -11.80
C ARG B 67 -10.98 -4.54 -13.32
N GLU B 68 -9.82 -4.54 -13.96
CA GLU B 68 -9.78 -4.48 -15.40
C GLU B 68 -10.04 -5.84 -16.06
N PHE B 69 -9.57 -6.92 -15.43
CA PHE B 69 -9.72 -8.23 -16.00
C PHE B 69 -10.75 -9.14 -15.31
N ALA B 70 -11.42 -8.67 -14.27
CA ALA B 70 -12.44 -9.46 -13.63
C ALA B 70 -11.84 -10.80 -13.15
N ALA B 71 -10.70 -10.72 -12.50
CA ALA B 71 -10.02 -11.93 -12.08
C ALA B 71 -10.88 -12.66 -11.06
N ASP B 72 -10.95 -13.98 -11.15
CA ASP B 72 -11.77 -14.76 -10.21
C ASP B 72 -11.06 -15.06 -8.90
N CYS B 73 -9.72 -15.04 -8.97
CA CYS B 73 -8.92 -15.27 -7.77
C CYS B 73 -7.54 -14.71 -8.09
N VAL B 74 -6.73 -14.61 -7.04
CA VAL B 74 -5.40 -14.04 -7.12
C VAL B 74 -4.46 -14.98 -6.41
N ILE B 75 -3.34 -15.27 -7.07
CA ILE B 75 -2.29 -16.08 -6.45
C ILE B 75 -1.02 -15.23 -6.45
N ASN B 76 -0.43 -15.02 -5.27
CA ASN B 76 0.89 -14.38 -5.18
C ASN B 76 1.98 -15.45 -5.35
N THR B 77 3.04 -15.12 -6.05
CA THR B 77 4.20 -16.02 -6.18
C THR B 77 5.49 -15.24 -5.86
N GLY B 78 6.51 -15.87 -5.30
CA GLY B 78 7.77 -15.14 -5.17
C GLY B 78 8.68 -15.66 -4.10
N SER B 79 9.66 -14.84 -3.72
CA SER B 79 10.63 -15.16 -2.66
C SER B 79 10.22 -14.56 -1.31
N ALA B 80 10.78 -15.07 -0.23
CA ALA B 80 10.48 -14.58 1.09
C ALA B 80 11.63 -14.99 2.02
N GLY B 81 11.76 -14.30 3.14
CA GLY B 81 12.69 -14.75 4.15
C GLY B 81 12.06 -15.82 5.00
N GLY B 82 12.78 -16.93 5.19
CA GLY B 82 12.31 -18.03 6.02
C GLY B 82 12.45 -17.75 7.49
N LEU B 83 11.34 -17.72 8.23
CA LEU B 83 11.43 -17.60 9.66
C LEU B 83 11.02 -18.88 10.36
N GLY B 84 10.32 -19.74 9.65
CA GLY B 84 9.79 -20.92 10.31
C GLY B 84 10.93 -21.83 10.70
N LYS B 85 10.81 -22.48 11.85
CA LYS B 85 11.82 -23.47 12.27
C LYS B 85 12.21 -24.45 11.17
N GLY B 86 13.48 -24.45 10.84
CA GLY B 86 14.01 -25.39 9.89
C GLY B 86 13.93 -25.09 8.41
N LEU B 87 13.28 -23.98 8.05
CA LEU B 87 13.14 -23.64 6.65
C LEU B 87 14.47 -23.39 5.94
N LYS B 88 14.58 -23.95 4.76
CA LYS B 88 15.77 -23.88 3.95
C LYS B 88 15.49 -23.10 2.70
N VAL B 89 16.56 -22.56 2.11
CA VAL B 89 16.48 -21.95 0.81
C VAL B 89 15.84 -22.90 -0.21
N GLY B 90 14.86 -22.38 -0.97
CA GLY B 90 14.06 -23.20 -1.90
C GLY B 90 12.78 -23.81 -1.38
N ASP B 91 12.65 -23.97 -0.06
CA ASP B 91 11.46 -24.55 0.51
C ASP B 91 10.27 -23.62 0.24
N VAL B 92 9.10 -24.20 0.04
CA VAL B 92 7.88 -23.42 -0.23
C VAL B 92 6.98 -23.37 0.98
N VAL B 93 6.37 -22.20 1.19
CA VAL B 93 5.33 -21.98 2.20
C VAL B 93 4.05 -21.59 1.44
N ILE B 94 2.99 -22.35 1.70
CA ILE B 94 1.64 -22.00 1.34
C ILE B 94 1.12 -21.10 2.44
N GLY B 95 0.89 -19.83 2.11
CA GLY B 95 0.51 -18.91 3.17
C GLY B 95 -0.98 -19.10 3.38
N THR B 96 -1.36 -19.64 4.52
CA THR B 96 -2.77 -19.87 4.78
C THR B 96 -3.41 -18.68 5.46
N GLU B 97 -2.58 -17.86 6.10
CA GLU B 97 -3.03 -16.63 6.73
C GLU B 97 -1.95 -15.61 6.47
N THR B 98 -2.32 -14.32 6.41
CA THR B 98 -1.36 -13.25 6.15
C THR B 98 -1.64 -12.06 7.07
N ALA B 99 -0.59 -11.38 7.53
CA ALA B 99 -0.81 -10.17 8.31
C ALA B 99 0.31 -9.19 8.02
N HIS B 100 0.05 -7.90 8.24
CA HIS B 100 1.12 -6.92 8.18
C HIS B 100 1.93 -6.94 9.48
N HIS B 101 3.23 -7.14 9.41
CA HIS B 101 4.03 -7.11 10.64
C HIS B 101 4.39 -5.69 11.08
N ASP B 102 4.23 -4.71 10.18
CA ASP B 102 4.66 -3.37 10.51
C ASP B 102 3.50 -2.36 10.63
N VAL B 103 2.26 -2.85 10.66
CA VAL B 103 1.13 -1.99 10.95
C VAL B 103 0.96 -1.83 12.45
N ASP B 104 0.85 -0.60 12.92
CA ASP B 104 0.69 -0.35 14.36
C ASP B 104 -0.25 0.81 14.61
N VAL B 105 -1.52 0.51 14.86
CA VAL B 105 -2.46 1.52 15.32
C VAL B 105 -2.93 1.06 16.73
N THR B 106 -2.01 0.47 17.47
CA THR B 106 -2.29 -0.04 18.81
C THR B 106 -2.70 1.07 19.75
N ALA B 107 -2.32 2.30 19.42
CA ALA B 107 -2.69 3.43 20.26
C ALA B 107 -4.19 3.51 20.45
N PHE B 108 -4.94 3.00 19.49
CA PHE B 108 -6.36 3.14 19.57
C PHE B 108 -7.00 1.81 19.84
N GLY B 109 -6.23 0.87 20.38
CA GLY B 109 -6.77 -0.44 20.76
C GLY B 109 -6.69 -1.56 19.74
N TYR B 110 -6.25 -1.29 18.52
CA TYR B 110 -6.25 -2.36 17.52
C TYR B 110 -5.11 -3.26 17.87
N ALA B 111 -5.18 -4.52 17.38
CA ALA B 111 -4.16 -5.51 17.67
C ALA B 111 -2.96 -5.16 16.81
N TRP B 112 -1.78 -5.57 17.26
CA TRP B 112 -0.58 -5.36 16.42
C TRP B 112 -0.81 -5.92 15.02
N GLY B 113 -0.53 -5.14 13.97
CA GLY B 113 -0.66 -5.57 12.57
C GLY B 113 -2.03 -5.25 11.96
N GLN B 114 -2.97 -4.85 12.81
CA GLN B 114 -4.33 -4.74 12.34
C GLN B 114 -4.62 -3.34 11.79
N VAL B 115 -5.00 -3.29 10.50
CA VAL B 115 -5.46 -2.04 9.88
C VAL B 115 -6.86 -1.69 10.45
N PRO B 116 -7.06 -0.43 10.90
CA PRO B 116 -8.39 -0.18 11.49
C PRO B 116 -9.59 -0.60 10.62
N GLN B 117 -10.57 -1.19 11.30
CA GLN B 117 -11.73 -1.72 10.63
C GLN B 117 -11.53 -2.91 9.75
N LEU B 118 -10.34 -3.53 9.78
CA LEU B 118 -10.10 -4.74 9.05
C LEU B 118 -9.74 -5.82 10.09
N PRO B 119 -9.87 -7.10 9.72
CA PRO B 119 -9.45 -8.16 10.64
C PRO B 119 -7.95 -8.08 10.84
N ALA B 120 -7.46 -8.55 11.98
CA ALA B 120 -6.01 -8.54 12.24
C ALA B 120 -5.22 -9.39 11.23
N ARG B 121 -5.83 -10.45 10.74
CA ARG B 121 -5.18 -11.32 9.73
C ARG B 121 -6.17 -11.67 8.63
N PHE B 122 -5.64 -12.06 7.47
CA PHE B 122 -6.44 -12.35 6.27
C PHE B 122 -6.28 -13.79 5.91
N ALA B 123 -7.40 -14.53 5.81
CA ALA B 123 -7.29 -15.95 5.54
C ALA B 123 -7.31 -16.23 4.03
N SER B 124 -6.37 -17.05 3.55
CA SER B 124 -6.42 -17.48 2.17
C SER B 124 -7.66 -18.32 1.94
N ASP B 125 -8.09 -18.39 0.68
CA ASP B 125 -9.33 -19.11 0.35
C ASP B 125 -9.14 -20.63 0.53
N GLY B 126 -10.10 -21.26 1.19
CA GLY B 126 -10.09 -22.72 1.40
C GLY B 126 -9.89 -23.55 0.15
N ILE B 127 -10.56 -23.19 -0.94
CA ILE B 127 -10.42 -23.97 -2.14
C ILE B 127 -9.01 -23.82 -2.71
N LEU B 128 -8.48 -22.60 -2.65
CA LEU B 128 -7.10 -22.37 -3.15
C LEU B 128 -6.04 -23.06 -2.26
N ILE B 129 -6.29 -23.14 -0.97
CA ILE B 129 -5.31 -23.78 -0.11
C ILE B 129 -5.28 -25.28 -0.44
N GLU B 130 -6.45 -25.87 -0.59
CA GLU B 130 -6.52 -27.30 -0.96
C GLU B 130 -5.90 -27.59 -2.30
N ALA B 131 -6.12 -26.73 -3.30
CA ALA B 131 -5.36 -26.80 -4.55
C ALA B 131 -3.84 -26.75 -4.38
N ALA B 132 -3.36 -25.84 -3.53
CA ALA B 132 -1.94 -25.72 -3.25
C ALA B 132 -1.43 -27.04 -2.64
N LYS B 133 -2.21 -27.60 -1.75
CA LYS B 133 -1.84 -28.86 -1.08
C LYS B 133 -1.78 -30.03 -2.04
N ARG B 134 -2.69 -30.09 -3.00
CA ARG B 134 -2.61 -31.10 -4.06
C ARG B 134 -1.36 -30.85 -4.92
N ALA B 135 -1.13 -29.60 -5.33
CA ALA B 135 0.02 -29.30 -6.16
C ALA B 135 1.29 -29.76 -5.46
N ALA B 136 1.37 -29.51 -4.16
CA ALA B 136 2.56 -29.82 -3.39
C ALA B 136 2.90 -31.31 -3.45
N ARG B 137 1.88 -32.15 -3.51
CA ARG B 137 2.13 -33.57 -3.44
C ARG B 137 2.67 -34.03 -4.76
N THR B 138 2.57 -33.21 -5.79
CA THR B 138 3.03 -33.67 -7.08
C THR B 138 4.53 -33.53 -7.18
N PHE B 139 5.12 -32.76 -6.27
CA PHE B 139 6.56 -32.57 -6.26
C PHE B 139 7.14 -33.50 -5.21
N GLU B 140 7.41 -34.71 -5.66
CA GLU B 140 7.68 -35.79 -4.77
C GLU B 140 8.96 -35.58 -4.04
N GLY B 141 8.83 -35.64 -2.74
CA GLY B 141 9.87 -35.29 -1.85
C GLY B 141 9.85 -33.84 -1.46
N ALA B 142 9.41 -32.96 -2.35
CA ALA B 142 9.69 -31.53 -2.13
C ALA B 142 9.29 -30.98 -0.74
N ALA B 143 10.00 -29.94 -0.29
CA ALA B 143 9.69 -29.35 1.02
C ALA B 143 8.64 -28.22 0.96
N VAL B 144 7.46 -28.52 1.46
CA VAL B 144 6.35 -27.55 1.47
C VAL B 144 5.68 -27.51 2.84
N GLU B 145 5.47 -26.31 3.36
CA GLU B 145 4.83 -26.13 4.65
C GLU B 145 3.64 -25.23 4.45
N GLN B 146 2.80 -25.10 5.48
CA GLN B 146 1.67 -24.19 5.43
C GLN B 146 1.73 -23.31 6.64
N GLY B 147 1.29 -22.07 6.51
CA GLY B 147 1.09 -21.29 7.70
C GLY B 147 1.14 -19.79 7.45
N LEU B 148 1.51 -19.05 8.49
CA LEU B 148 1.40 -17.58 8.51
C LEU B 148 2.55 -16.91 7.81
N ILE B 149 2.27 -15.98 6.89
CA ILE B 149 3.30 -15.23 6.23
C ILE B 149 3.02 -13.78 6.57
N VAL B 150 4.04 -13.00 7.00
CA VAL B 150 3.76 -11.59 7.36
C VAL B 150 4.55 -10.69 6.40
N SER B 151 4.08 -9.46 6.21
CA SER B 151 4.66 -8.54 5.23
C SER B 151 4.80 -7.15 5.84
N GLY B 152 5.75 -6.40 5.32
CA GLY B 152 5.99 -5.06 5.77
C GLY B 152 6.80 -4.40 4.70
N ASP B 153 6.89 -3.08 4.76
CA ASP B 153 7.57 -2.36 3.67
C ASP B 153 9.08 -2.26 3.92
N ARG B 154 9.67 -3.34 4.39
CA ARG B 154 11.11 -3.35 4.56
C ARG B 154 11.70 -4.73 4.34
N PHE B 155 12.94 -4.75 3.87
CA PHE B 155 13.71 -5.98 3.75
C PHE B 155 14.34 -6.30 5.10
N VAL B 156 13.94 -7.44 5.69
CA VAL B 156 14.41 -7.83 7.01
C VAL B 156 15.75 -8.54 6.91
N HIS B 157 16.77 -8.03 7.61
CA HIS B 157 18.09 -8.63 7.52
C HIS B 157 18.83 -8.42 8.82
N SER B 158 18.20 -8.79 9.92
CA SER B 158 18.68 -8.51 11.23
C SER B 158 18.16 -9.60 12.16
N SER B 159 19.04 -10.23 12.90
CA SER B 159 18.60 -11.28 13.82
C SER B 159 17.61 -10.75 14.87
N GLU B 160 17.69 -9.46 15.18
CA GLU B 160 16.70 -8.82 16.05
C GLU B 160 15.48 -8.21 15.35
N GLY B 161 15.59 -7.90 14.07
CA GLY B 161 14.38 -7.52 13.37
C GLY B 161 13.49 -8.75 13.42
N VAL B 162 14.09 -9.90 13.21
CA VAL B 162 13.36 -11.14 13.23
C VAL B 162 12.81 -11.37 14.63
N ALA B 163 13.65 -11.15 15.63
CA ALA B 163 13.22 -11.28 17.03
C ALA B 163 11.88 -10.62 17.25
N GLU B 164 11.79 -9.34 16.91
CA GLU B 164 10.58 -8.54 17.12
C GLU B 164 9.36 -9.04 16.33
N ILE B 165 9.57 -9.45 15.09
CA ILE B 165 8.48 -10.07 14.36
C ILE B 165 7.97 -11.30 15.10
N ARG B 166 8.89 -12.17 15.50
CA ARG B 166 8.50 -13.39 16.21
C ARG B 166 7.73 -13.08 17.47
N LYS B 167 8.07 -11.96 18.10
CA LYS B 167 7.40 -11.54 19.32
C LYS B 167 5.91 -11.28 19.08
N HIS B 168 5.61 -10.68 17.93
CA HIS B 168 4.23 -10.37 17.62
C HIS B 168 3.51 -11.57 16.99
N PHE B 169 4.27 -12.41 16.28
CA PHE B 169 3.74 -13.51 15.49
C PHE B 169 4.56 -14.78 15.70
N PRO B 170 4.38 -15.43 16.86
CA PRO B 170 5.23 -16.56 17.22
C PRO B 170 5.23 -17.71 16.21
N GLU B 171 4.11 -17.97 15.55
CA GLU B 171 4.03 -19.08 14.61
C GLU B 171 4.44 -18.70 13.20
N VAL B 172 4.99 -17.50 13.04
CA VAL B 172 5.30 -17.03 11.70
C VAL B 172 6.21 -17.97 10.94
N LYS B 173 5.92 -18.16 9.66
CA LYS B 173 6.76 -19.00 8.83
C LYS B 173 7.60 -18.25 7.81
N ALA B 174 7.14 -17.07 7.39
CA ALA B 174 7.95 -16.33 6.43
C ALA B 174 7.60 -14.87 6.42
N VAL B 175 8.52 -14.07 5.90
CA VAL B 175 8.31 -12.61 5.87
C VAL B 175 8.67 -12.10 4.47
N GLU B 176 7.88 -11.18 3.94
CA GLU B 176 8.26 -10.57 2.68
C GLU B 176 7.60 -9.20 2.59
N MET B 177 7.40 -8.65 1.39
CA MET B 177 6.97 -7.23 1.32
C MET B 177 5.68 -6.98 0.57
N GLU B 178 5.01 -8.04 0.12
CA GLU B 178 3.77 -7.82 -0.69
C GLU B 178 2.52 -8.55 -0.22
N ALA B 179 2.67 -9.72 0.41
CA ALA B 179 1.55 -10.65 0.56
C ALA B 179 0.40 -10.03 1.34
N ALA B 180 0.69 -9.32 2.41
CA ALA B 180 -0.45 -8.74 3.17
C ALA B 180 -1.14 -7.62 2.42
N ALA B 181 -0.39 -6.94 1.54
CA ALA B 181 -1.03 -5.92 0.74
C ALA B 181 -1.98 -6.58 -0.27
N ILE B 182 -1.52 -7.67 -0.89
CA ILE B 182 -2.37 -8.42 -1.83
C ILE B 182 -3.59 -8.98 -1.08
N ALA B 183 -3.36 -9.61 0.04
CA ALA B 183 -4.43 -10.11 0.89
C ALA B 183 -5.43 -9.04 1.29
N GLN B 184 -4.95 -7.90 1.78
CA GLN B 184 -5.88 -6.85 2.20
C GLN B 184 -6.68 -6.37 0.99
N THR B 185 -6.04 -6.31 -0.16
CA THR B 185 -6.69 -5.75 -1.35
C THR B 185 -7.79 -6.72 -1.79
N CYS B 186 -7.44 -8.00 -1.74
CA CYS B 186 -8.43 -9.01 -2.11
C CYS B 186 -9.58 -9.00 -1.12
N HIS B 187 -9.29 -8.79 0.15
CA HIS B 187 -10.34 -8.70 1.16
C HIS B 187 -11.28 -7.58 0.80
N GLN B 188 -10.71 -6.40 0.59
CA GLN B 188 -11.53 -5.21 0.31
C GLN B 188 -12.32 -5.36 -1.01
N LEU B 189 -11.79 -6.12 -1.97
CA LEU B 189 -12.45 -6.32 -3.27
C LEU B 189 -13.11 -7.71 -3.37
N GLU B 190 -13.34 -8.34 -2.22
CA GLU B 190 -14.04 -9.62 -2.15
C GLU B 190 -13.58 -10.66 -3.12
N THR B 191 -12.27 -10.84 -3.21
CA THR B 191 -11.71 -11.80 -4.17
C THR B 191 -10.92 -12.90 -3.44
N PRO B 192 -11.11 -14.18 -3.82
CA PRO B 192 -10.32 -15.13 -3.04
C PRO B 192 -8.87 -15.09 -3.44
N PHE B 193 -7.96 -15.39 -2.51
CA PHE B 193 -6.52 -15.37 -2.85
C PHE B 193 -5.80 -16.48 -2.10
N VAL B 194 -4.58 -16.78 -2.55
CA VAL B 194 -3.67 -17.57 -1.72
C VAL B 194 -2.26 -17.07 -1.99
N ILE B 195 -1.39 -17.17 -0.98
CA ILE B 195 -0.01 -16.71 -1.13
C ILE B 195 0.89 -17.93 -1.23
N ILE B 196 1.73 -17.96 -2.25
CA ILE B 196 2.73 -19.01 -2.37
C ILE B 196 4.11 -18.30 -2.37
N ARG B 197 5.01 -18.63 -1.45
CA ARG B 197 6.37 -18.06 -1.49
C ARG B 197 7.40 -19.17 -1.33
N ALA B 198 8.63 -18.93 -1.78
CA ALA B 198 9.71 -19.87 -1.50
C ALA B 198 10.84 -19.11 -0.84
N VAL B 199 11.63 -19.84 -0.04
CA VAL B 199 12.65 -19.22 0.80
C VAL B 199 13.92 -18.89 0.02
N SER B 200 14.32 -17.62 0.09
CA SER B 200 15.50 -17.13 -0.64
C SER B 200 16.61 -16.78 0.38
N ASP B 201 16.22 -16.74 1.67
CA ASP B 201 17.06 -16.23 2.78
C ASP B 201 16.39 -16.42 4.14
N SER B 202 17.11 -16.17 5.24
CA SER B 202 16.52 -16.33 6.56
C SER B 202 16.34 -15.00 7.25
N ALA B 203 16.36 -13.93 6.47
CA ALA B 203 16.04 -12.62 7.01
C ALA B 203 17.01 -12.20 8.10
N ASP B 204 18.21 -12.75 8.08
CA ASP B 204 19.23 -12.37 9.06
C ASP B 204 20.29 -11.52 8.36
N GLU B 205 21.47 -11.37 8.98
CA GLU B 205 22.44 -10.36 8.51
C GLU B 205 23.00 -10.73 7.16
N LYS B 206 22.82 -11.99 6.78
CA LYS B 206 23.33 -12.47 5.48
C LYS B 206 22.20 -12.52 4.45
N ALA B 207 21.06 -11.93 4.79
CA ALA B 207 19.87 -12.09 3.92
C ALA B 207 20.08 -11.51 2.54
N ASP B 208 20.84 -10.42 2.48
CA ASP B 208 21.09 -9.74 1.22
C ASP B 208 21.89 -10.63 0.25
N ILE B 209 22.97 -11.22 0.74
CA ILE B 209 23.75 -12.03 -0.17
C ILE B 209 22.98 -13.31 -0.46
N SER B 210 22.26 -13.83 0.53
CA SER B 210 21.49 -15.05 0.29
C SER B 210 20.45 -14.79 -0.81
N PHE B 211 19.72 -13.70 -0.64
CA PHE B 211 18.76 -13.32 -1.69
C PHE B 211 19.40 -13.17 -3.10
N ASP B 212 20.53 -12.50 -3.18
CA ASP B 212 21.11 -12.30 -4.48
C ASP B 212 21.37 -13.64 -5.13
N GLU B 213 21.77 -14.63 -4.34
CA GLU B 213 22.17 -15.91 -4.90
C GLU B 213 20.98 -16.82 -5.16
N PHE B 214 19.99 -16.76 -4.26
CA PHE B 214 18.95 -17.77 -4.27
C PHE B 214 17.58 -17.31 -4.75
N LEU B 215 17.49 -16.06 -5.18
CA LEU B 215 16.26 -15.55 -5.82
C LEU B 215 15.85 -16.46 -6.99
N LYS B 216 16.81 -16.82 -7.87
CA LYS B 216 16.48 -17.63 -9.04
C LYS B 216 15.85 -18.95 -8.55
N THR B 217 16.38 -19.52 -7.48
CA THR B 217 15.86 -20.80 -7.01
C THR B 217 14.48 -20.65 -6.37
N ALA B 218 14.36 -19.70 -5.46
CA ALA B 218 13.08 -19.49 -4.79
C ALA B 218 12.00 -19.13 -5.81
N ALA B 219 12.34 -18.32 -6.79
CA ALA B 219 11.36 -17.87 -7.79
C ALA B 219 10.88 -19.09 -8.58
N ALA B 220 11.84 -19.88 -9.05
CA ALA B 220 11.53 -21.10 -9.82
C ALA B 220 10.61 -22.04 -9.08
N ASN B 221 10.95 -22.40 -7.84
CA ASN B 221 10.17 -23.35 -7.06
C ASN B 221 8.77 -22.77 -6.77
N SER B 222 8.71 -21.49 -6.44
CA SER B 222 7.41 -20.89 -6.24
C SER B 222 6.58 -20.95 -7.53
N ALA B 223 7.19 -20.56 -8.65
CA ALA B 223 6.52 -20.52 -9.92
C ALA B 223 5.98 -21.90 -10.27
N LYS B 224 6.79 -22.94 -10.07
CA LYS B 224 6.36 -24.28 -10.51
C LYS B 224 5.16 -24.72 -9.68
N MET B 225 5.18 -24.39 -8.41
CA MET B 225 4.07 -24.67 -7.58
C MET B 225 2.80 -23.93 -8.09
N VAL B 226 2.95 -22.66 -8.44
CA VAL B 226 1.80 -21.87 -8.91
C VAL B 226 1.25 -22.38 -10.23
N ALA B 227 2.14 -22.79 -11.12
CA ALA B 227 1.67 -23.31 -12.39
C ALA B 227 0.88 -24.57 -12.14
N GLU B 228 1.30 -25.37 -11.18
CA GLU B 228 0.58 -26.61 -10.94
C GLU B 228 -0.75 -26.31 -10.28
N ILE B 229 -0.77 -25.36 -9.35
CA ILE B 229 -2.03 -24.91 -8.76
C ILE B 229 -3.00 -24.46 -9.85
N VAL B 230 -2.54 -23.68 -10.85
CA VAL B 230 -3.46 -23.19 -11.89
C VAL B 230 -4.13 -24.40 -12.59
N LYS B 231 -3.32 -25.42 -12.86
CA LYS B 231 -3.84 -26.65 -13.46
C LYS B 231 -4.79 -27.42 -12.57
N SER B 232 -4.85 -27.07 -11.30
CA SER B 232 -5.68 -27.83 -10.39
C SER B 232 -6.98 -27.11 -10.03
N LEU B 233 -7.28 -26.00 -10.68
CA LEU B 233 -8.50 -25.25 -10.38
C LEU B 233 -9.64 -25.53 -11.36
CS MTM C . -6.84 6.78 13.43
S5' MTM C . -5.22 6.60 12.69
C5' MTM C . -4.76 8.22 12.18
C4' MTM C . -5.50 8.76 10.96
N4' MTM C . -5.27 10.21 10.89
C2' MTM C . -3.47 9.19 9.64
O2' MTM C . -3.17 9.47 8.26
C3' MTM C . -4.67 8.22 9.76
O3' MTM C . -5.47 8.19 8.56
C1' MTM C . -3.92 10.46 10.37
C9 MTM C . -2.85 10.97 11.38
C8 MTM C . -3.17 12.04 12.42
N7 MTM C . -2.19 12.04 13.40
C5 MTM C . -1.31 11.00 13.17
C6 MTM C . -0.12 10.48 13.85
N6 MTM C . 0.33 11.09 14.97
N1 MTM C . 0.55 9.41 13.33
C2 MTM C . 0.08 8.84 12.19
N3 MTM C . -0.98 9.25 11.50
C4 MTM C . -1.74 10.28 11.96
CS MTM D . 14.63 -6.86 -3.11
S5' MTM D . 13.48 -6.58 -1.78
C5' MTM D . 13.00 -8.26 -1.42
C4' MTM D . 11.90 -8.75 -2.40
N4' MTM D . 11.80 -10.20 -2.22
C2' MTM D . 10.10 -9.20 -0.87
O2' MTM D . 8.68 -9.48 -0.90
C3' MTM D . 10.51 -8.27 -1.98
O3' MTM D . 9.57 -8.24 -3.11
C1' MTM D . 10.95 -10.45 -1.08
C9 MTM D . 11.66 -10.96 0.20
C8 MTM D . 12.79 -11.96 0.10
N7 MTM D . 13.42 -11.95 1.30
C5 MTM D . 12.94 -11.00 2.16
C6 MTM D . 13.29 -10.51 3.50
N6 MTM D . 14.27 -11.12 4.23
N1 MTM D . 12.55 -9.49 4.01
C2 MTM D . 11.53 -8.90 3.30
N3 MTM D . 11.19 -9.27 2.03
C4 MTM D . 11.89 -10.28 1.44
#